data_8CIK
#
_entry.id   8CIK
#
_cell.length_a   142.390
_cell.length_b   41.630
_cell.length_c   54.550
_cell.angle_alpha   90.000
_cell.angle_beta   98.310
_cell.angle_gamma   90.000
#
_symmetry.space_group_name_H-M   'C 1 2 1'
#
loop_
_entity.id
_entity.type
_entity.pdbx_description
1 polymer Chymosin
2 non-polymer GLYCEROL
3 water water
#
_entity_poly.entity_id   1
_entity_poly.type   'polypeptide(L)'
_entity_poly.pdbx_seq_one_letter_code
;GEVASVPLTNYLDSQYFGKIYLGTPPQEFTVLFDTGSSDFWVPSIYCKSNACKNHQRFDPRKSSTFQNLGKPLSIRYGTG
SMQGILGYDTVTVSDIVDVQQTVGLSTQEPGDVFTYAEFDGILGMAYPSLASEYSVPVFDNMMNRHLVAQDVFSVYMDRN
GQESMLTLGAIDPSYYTGSLHWVPVTVQKYWQFTVDSVTINGMVVACDGGCQAILDTGTSLLVGPSSDILNIQEAIGATQ
NRYGEFDIDCDGLSSMPTVVFEINGKMYPLTPSAYTNQDEDFCTSGFQADSRSRHWILGDVFIREYYSVFDRVNNLVGLA
KAI
;
_entity_poly.pdbx_strand_id   A
#
loop_
_chem_comp.id
_chem_comp.type
_chem_comp.name
_chem_comp.formula
GOL non-polymer GLYCEROL 'C3 H8 O3'
#
# COMPACT_ATOMS: atom_id res chain seq x y z
N GLY A 1 -2.00 -6.38 24.85
CA GLY A 1 -2.24 -6.14 23.43
C GLY A 1 -3.39 -5.17 23.19
N GLU A 2 -3.19 -4.23 22.27
CA GLU A 2 -4.18 -3.21 21.95
C GLU A 2 -4.49 -3.25 20.46
N VAL A 3 -5.37 -2.34 20.04
CA VAL A 3 -5.77 -2.20 18.65
C VAL A 3 -5.75 -0.72 18.30
N ALA A 4 -5.10 -0.37 17.19
CA ALA A 4 -4.95 1.01 16.78
C ALA A 4 -5.79 1.27 15.53
N SER A 5 -6.62 2.30 15.58
CA SER A 5 -7.41 2.73 14.43
C SER A 5 -6.75 3.97 13.85
N VAL A 6 -5.98 3.79 12.78
CA VAL A 6 -5.25 4.87 12.13
C VAL A 6 -6.08 5.36 10.95
N PRO A 7 -6.67 6.54 11.02
CA PRO A 7 -7.40 7.07 9.86
C PRO A 7 -6.44 7.35 8.71
N LEU A 8 -6.92 7.10 7.49
CA LEU A 8 -6.12 7.32 6.29
C LEU A 8 -6.74 8.45 5.48
N THR A 9 -5.91 9.43 5.12
CA THR A 9 -6.36 10.51 4.26
C THR A 9 -6.24 10.10 2.80
N ASN A 10 -7.28 10.42 2.02
CA ASN A 10 -7.38 10.03 0.62
C ASN A 10 -7.17 11.25 -0.25
N TYR A 11 -6.14 11.19 -1.10
CA TYR A 11 -5.81 12.28 -2.03
C TYR A 11 -6.01 11.78 -3.45
N LEU A 12 -7.11 12.22 -4.08
CA LEU A 12 -7.41 11.92 -5.48
C LEU A 12 -7.43 10.43 -5.78
N ASP A 13 -7.88 9.62 -4.81
CA ASP A 13 -7.99 8.17 -4.95
C ASP A 13 -6.67 7.50 -5.31
N SER A 14 -5.54 8.18 -5.09
CA SER A 14 -4.24 7.66 -5.49
C SER A 14 -3.20 7.59 -4.38
N GLN A 15 -3.37 8.34 -3.29
CA GLN A 15 -2.42 8.31 -2.17
C GLN A 15 -3.21 8.21 -0.88
N TYR A 16 -3.01 7.12 -0.14
CA TYR A 16 -3.58 6.93 1.18
C TYR A 16 -2.46 6.95 2.20
N PHE A 17 -2.54 7.87 3.16
CA PHE A 17 -1.48 8.07 4.13
C PHE A 17 -2.08 8.40 5.48
N GLY A 18 -1.39 7.97 6.54
CA GLY A 18 -1.79 8.25 7.91
C GLY A 18 -0.76 9.12 8.61
N LYS A 19 -1.01 9.35 9.90
CA LYS A 19 -0.15 10.18 10.73
C LYS A 19 0.46 9.37 11.86
N ILE A 20 1.76 9.58 12.09
CA ILE A 20 2.48 8.98 13.19
C ILE A 20 3.27 10.08 13.90
N TYR A 21 3.80 9.73 15.07
CA TYR A 21 4.56 10.65 15.91
C TYR A 21 5.86 9.98 16.31
N LEU A 22 6.97 10.68 16.11
CA LEU A 22 8.30 10.11 16.30
C LEU A 22 9.09 10.98 17.26
N GLY A 23 9.74 10.35 18.24
CA GLY A 23 10.62 11.04 19.16
C GLY A 23 9.89 11.61 20.36
N THR A 24 10.68 12.11 21.31
CA THR A 24 10.16 12.70 22.54
C THR A 24 10.78 14.09 22.70
N PRO A 25 9.99 15.17 22.64
CA PRO A 25 8.53 15.23 22.44
C PRO A 25 8.14 14.79 21.02
N PRO A 26 6.88 14.44 20.80
CA PRO A 26 6.50 13.89 19.49
C PRO A 26 6.69 14.89 18.35
N GLN A 27 7.25 14.39 17.25
CA GLN A 27 7.28 15.11 15.99
C GLN A 27 6.32 14.43 15.04
N GLU A 28 5.39 15.20 14.48
CA GLU A 28 4.32 14.63 13.66
C GLU A 28 4.79 14.43 12.24
N PHE A 29 4.38 13.30 11.64
CA PHE A 29 4.71 13.01 10.26
C PHE A 29 3.55 12.29 9.60
N THR A 30 3.36 12.56 8.31
CA THR A 30 2.45 11.76 7.49
C THR A 30 3.28 10.69 6.78
N VAL A 31 2.87 9.44 6.96
CA VAL A 31 3.56 8.31 6.33
C VAL A 31 2.58 7.55 5.46
N LEU A 32 3.11 7.00 4.37
CA LEU A 32 2.39 6.05 3.54
C LEU A 32 2.55 4.68 4.18
N PHE A 33 1.44 4.11 4.66
CA PHE A 33 1.46 2.73 5.16
C PHE A 33 1.46 1.80 3.96
N ASP A 34 2.60 1.16 3.72
CA ASP A 34 2.91 0.52 2.44
C ASP A 34 3.07 -0.97 2.67
N THR A 35 2.14 -1.76 2.12
CA THR A 35 2.26 -3.22 2.20
C THR A 35 3.22 -3.78 1.16
N GLY A 36 3.75 -2.94 0.28
CA GLY A 36 4.75 -3.33 -0.70
C GLY A 36 6.19 -3.11 -0.27
N SER A 37 6.42 -2.75 1.00
CA SER A 37 7.76 -2.59 1.53
C SER A 37 7.73 -2.87 3.02
N SER A 38 8.91 -2.85 3.64
CA SER A 38 9.02 -3.17 5.06
C SER A 38 9.90 -2.21 5.84
N ASP A 39 10.32 -1.10 5.25
CA ASP A 39 11.20 -0.16 5.92
C ASP A 39 10.41 1.04 6.42
N PHE A 40 10.82 1.56 7.57
CA PHE A 40 10.23 2.75 8.17
C PHE A 40 11.26 3.88 8.12
N TRP A 41 10.89 5.00 7.50
CA TRP A 41 11.81 6.13 7.40
C TRP A 41 11.02 7.41 7.21
N VAL A 42 11.64 8.51 7.61
CA VAL A 42 11.07 9.85 7.47
C VAL A 42 12.18 10.76 6.95
N PRO A 43 11.88 11.96 6.48
CA PRO A 43 12.94 12.92 6.16
C PRO A 43 13.58 13.47 7.43
N SER A 44 14.85 13.82 7.32
CA SER A 44 15.59 14.39 8.44
C SER A 44 16.18 15.74 8.04
N ILE A 45 16.67 16.47 9.04
CA ILE A 45 17.24 17.80 8.80
C ILE A 45 18.49 17.71 7.94
N TYR A 46 19.19 16.57 7.98
CA TYR A 46 20.44 16.45 7.22
C TYR A 46 20.21 16.28 5.73
N CYS A 47 18.97 16.07 5.29
CA CYS A 47 18.65 15.92 3.88
C CYS A 47 18.35 17.29 3.28
N LYS A 48 19.07 17.65 2.23
CA LYS A 48 18.91 18.94 1.57
C LYS A 48 18.21 18.84 0.22
N SER A 49 17.67 17.66 -0.10
CA SER A 49 16.94 17.47 -1.35
C SER A 49 15.66 18.29 -1.34
N ASN A 50 15.05 18.42 -2.53
CA ASN A 50 13.81 19.19 -2.65
C ASN A 50 12.66 18.51 -1.93
N ALA A 51 12.57 17.17 -2.07
CA ALA A 51 11.53 16.42 -1.38
C ALA A 51 11.61 16.63 0.12
N CYS A 52 12.83 16.71 0.66
CA CYS A 52 12.99 17.01 2.08
C CYS A 52 12.70 18.46 2.38
N LYS A 53 12.97 19.37 1.44
CA LYS A 53 12.72 20.79 1.68
C LYS A 53 11.25 21.10 1.78
N ASN A 54 10.40 20.40 1.01
CA ASN A 54 8.96 20.67 1.03
C ASN A 54 8.18 19.66 1.86
N HIS A 55 8.82 19.04 2.85
CA HIS A 55 8.14 18.11 3.75
C HIS A 55 8.65 18.31 5.17
N GLN A 56 8.03 17.61 6.11
CA GLN A 56 8.44 17.67 7.50
C GLN A 56 9.72 16.87 7.70
N ARG A 57 10.72 17.48 8.31
CA ARG A 57 12.02 16.88 8.52
C ARG A 57 12.25 16.60 9.99
N PHE A 58 12.69 15.38 10.29
CA PHE A 58 12.91 14.95 11.67
C PHE A 58 14.22 15.51 12.21
N ASP A 59 14.18 16.05 13.42
CA ASP A 59 15.33 16.63 14.07
C ASP A 59 15.74 15.74 15.24
N PRO A 60 16.61 14.76 15.03
CA PRO A 60 17.00 13.87 16.13
C PRO A 60 17.61 14.60 17.31
N ARG A 61 18.30 15.73 17.05
CA ARG A 61 18.88 16.52 18.13
C ARG A 61 17.83 17.00 19.12
N LYS A 62 16.57 17.12 18.67
CA LYS A 62 15.48 17.56 19.54
C LYS A 62 14.66 16.40 20.09
N SER A 63 15.13 15.17 19.93
CA SER A 63 14.45 13.98 20.44
C SER A 63 15.25 13.38 21.58
N SER A 64 14.66 13.37 22.77
CA SER A 64 15.36 12.87 23.95
C SER A 64 15.56 11.36 23.93
N THR A 65 14.80 10.64 23.10
CA THR A 65 14.88 9.19 23.04
C THR A 65 15.60 8.68 21.81
N PHE A 66 16.05 9.56 20.92
CA PHE A 66 16.73 9.10 19.72
C PHE A 66 18.08 8.48 20.06
N GLN A 67 18.41 7.40 19.34
CA GLN A 67 19.68 6.72 19.49
C GLN A 67 20.18 6.36 18.10
N ASN A 68 21.31 6.95 17.70
CA ASN A 68 21.85 6.71 16.36
C ASN A 68 22.40 5.29 16.26
N LEU A 69 22.11 4.64 15.14
CA LEU A 69 22.61 3.29 14.89
C LEU A 69 23.88 3.26 14.04
N GLY A 70 24.20 4.34 13.33
CA GLY A 70 25.38 4.38 12.51
C GLY A 70 25.38 3.41 11.35
N LYS A 71 24.21 2.91 10.96
CA LYS A 71 24.07 1.96 9.87
C LYS A 71 23.39 2.61 8.68
N PRO A 72 23.86 2.34 7.47
CA PRO A 72 23.26 2.97 6.28
C PRO A 72 21.93 2.33 5.93
N LEU A 73 21.19 3.02 5.07
CA LEU A 73 19.90 2.55 4.59
C LEU A 73 19.68 3.12 3.19
N SER A 74 19.19 2.28 2.28
CA SER A 74 18.91 2.70 0.92
C SER A 74 17.74 1.88 0.38
N ILE A 75 16.75 2.57 -0.17
CA ILE A 75 15.54 1.93 -0.66
C ILE A 75 15.18 2.51 -2.03
N ARG A 76 14.47 1.70 -2.82
CA ARG A 76 13.99 2.10 -4.14
C ARG A 76 12.47 2.00 -4.15
N TYR A 77 11.80 3.12 -4.43
CA TYR A 77 10.35 3.20 -4.47
C TYR A 77 9.93 3.85 -5.79
N GLY A 78 9.24 3.10 -6.62
CA GLY A 78 8.84 3.61 -7.92
C GLY A 78 10.03 3.99 -8.76
N THR A 79 9.95 5.16 -9.41
CA THR A 79 11.07 5.70 -10.15
C THR A 79 12.10 6.40 -9.26
N GLY A 80 11.83 6.53 -7.97
CA GLY A 80 12.70 7.23 -7.05
C GLY A 80 13.34 6.32 -6.02
N SER A 81 14.07 6.95 -5.12
CA SER A 81 14.86 6.21 -4.14
C SER A 81 15.09 7.09 -2.92
N MET A 82 15.73 6.50 -1.91
CA MET A 82 16.08 7.20 -0.69
C MET A 82 17.35 6.60 -0.12
N GLN A 83 18.20 7.46 0.42
CA GLN A 83 19.37 7.04 1.19
C GLN A 83 19.36 7.76 2.52
N GLY A 84 19.89 7.11 3.55
CA GLY A 84 19.91 7.72 4.87
C GLY A 84 20.58 6.83 5.89
N ILE A 85 20.35 7.15 7.16
CA ILE A 85 20.96 6.41 8.27
C ILE A 85 19.87 5.89 9.19
N LEU A 86 20.12 4.74 9.80
CA LEU A 86 19.18 4.13 10.74
C LEU A 86 19.40 4.69 12.15
N GLY A 87 18.33 4.72 12.93
CA GLY A 87 18.41 5.13 14.32
C GLY A 87 17.30 4.46 15.12
N TYR A 88 17.38 4.65 16.44
CA TYR A 88 16.38 4.14 17.37
C TYR A 88 15.56 5.30 17.90
N ASP A 89 14.23 5.16 17.87
CA ASP A 89 13.38 6.13 18.55
C ASP A 89 11.98 5.55 18.74
N THR A 90 11.22 6.22 19.61
CA THR A 90 9.85 5.82 19.89
C THR A 90 8.93 6.38 18.82
N VAL A 91 8.05 5.53 18.29
CA VAL A 91 7.04 5.94 17.32
C VAL A 91 5.66 5.65 17.91
N THR A 92 4.76 6.62 17.81
CA THR A 92 3.39 6.47 18.26
C THR A 92 2.49 6.31 17.06
N VAL A 93 1.82 5.17 16.96
CA VAL A 93 0.85 4.91 15.90
C VAL A 93 -0.51 4.77 16.57
N SER A 94 -1.36 5.78 16.40
CA SER A 94 -2.61 5.89 17.14
C SER A 94 -2.33 5.80 18.64
N ASP A 95 -2.86 4.77 19.29
CA ASP A 95 -2.67 4.58 20.72
C ASP A 95 -1.61 3.54 21.06
N ILE A 96 -0.89 3.03 20.06
CA ILE A 96 0.19 2.07 20.28
C ILE A 96 1.50 2.83 20.33
N VAL A 97 2.28 2.61 21.40
CA VAL A 97 3.57 3.25 21.59
C VAL A 97 4.63 2.19 21.37
N ASP A 98 5.45 2.38 20.33
CA ASP A 98 6.47 1.44 19.89
C ASP A 98 7.82 2.08 20.19
N VAL A 99 8.35 1.81 21.37
CA VAL A 99 9.63 2.37 21.78
C VAL A 99 10.76 1.62 21.09
N GLN A 100 11.94 2.26 21.07
CA GLN A 100 13.17 1.65 20.57
C GLN A 100 12.98 1.03 19.19
N GLN A 101 12.27 1.75 18.32
CA GLN A 101 11.97 1.29 16.98
C GLN A 101 12.99 1.84 16.00
N THR A 102 13.49 0.98 15.11
CA THR A 102 14.37 1.43 14.04
C THR A 102 13.60 2.35 13.10
N VAL A 103 14.21 3.48 12.78
CA VAL A 103 13.63 4.45 11.86
C VAL A 103 14.75 5.00 10.99
N GLY A 104 14.48 5.12 9.70
CA GLY A 104 15.42 5.72 8.77
C GLY A 104 15.27 7.22 8.76
N LEU A 105 16.39 7.92 8.89
CA LEU A 105 16.45 9.35 8.71
C LEU A 105 17.11 9.61 7.36
N SER A 106 16.38 10.22 6.44
CA SER A 106 16.86 10.39 5.09
C SER A 106 17.91 11.50 5.04
N THR A 107 18.94 11.27 4.22
CA THR A 107 19.95 12.28 3.90
C THR A 107 19.90 12.73 2.45
N GLN A 108 19.36 11.90 1.56
CA GLN A 108 19.19 12.26 0.15
C GLN A 108 17.94 11.59 -0.37
N GLU A 109 17.16 12.35 -1.14
CA GLU A 109 15.96 11.82 -1.81
C GLU A 109 15.96 12.36 -3.23
N PRO A 110 16.79 11.79 -4.11
CA PRO A 110 16.88 12.30 -5.47
C PRO A 110 15.62 12.02 -6.26
N GLY A 111 15.44 12.79 -7.33
CA GLY A 111 14.26 12.66 -8.14
C GLY A 111 13.07 13.40 -7.56
N ASP A 112 11.92 13.19 -8.19
CA ASP A 112 10.70 13.91 -7.87
C ASP A 112 9.60 13.02 -7.31
N VAL A 113 9.86 11.73 -7.12
CA VAL A 113 8.81 10.82 -6.65
C VAL A 113 8.29 11.27 -5.28
N PHE A 114 9.20 11.56 -4.36
CA PHE A 114 8.81 12.03 -3.04
C PHE A 114 8.65 13.55 -2.97
N THR A 115 9.08 14.27 -3.99
CA THR A 115 9.00 15.73 -3.96
C THR A 115 7.55 16.20 -3.95
N TYR A 116 6.72 15.62 -4.80
CA TYR A 116 5.34 16.05 -4.97
C TYR A 116 4.34 15.15 -4.25
N ALA A 117 4.82 14.10 -3.58
CA ALA A 117 3.93 13.26 -2.80
C ALA A 117 3.41 14.02 -1.58
N GLU A 118 2.25 13.59 -1.08
CA GLU A 118 1.62 14.26 0.04
C GLU A 118 2.14 13.77 1.39
N PHE A 119 2.76 12.59 1.43
CA PHE A 119 3.26 12.02 2.68
C PHE A 119 4.73 12.34 2.87
N ASP A 120 5.14 12.43 4.13
CA ASP A 120 6.53 12.73 4.45
C ASP A 120 7.43 11.50 4.29
N GLY A 121 7.01 10.37 4.84
CA GLY A 121 7.81 9.16 4.81
C GLY A 121 7.01 7.91 4.54
N ILE A 122 7.62 6.75 4.76
CA ILE A 122 7.03 5.46 4.42
C ILE A 122 7.18 4.54 5.62
N LEU A 123 6.08 3.89 6.00
CA LEU A 123 6.07 2.86 7.04
C LEU A 123 5.66 1.56 6.39
N GLY A 124 6.62 0.65 6.18
CA GLY A 124 6.36 -0.57 5.44
C GLY A 124 5.68 -1.62 6.30
N MET A 125 4.78 -2.38 5.67
CA MET A 125 3.98 -3.39 6.36
C MET A 125 4.24 -4.80 5.84
N ALA A 126 5.22 -5.00 4.96
CA ALA A 126 5.48 -6.32 4.41
C ALA A 126 6.35 -7.14 5.36
N TYR A 127 6.93 -8.22 4.86
CA TYR A 127 7.66 -9.16 5.71
C TYR A 127 9.09 -8.71 5.97
N PRO A 128 9.68 -9.15 7.09
CA PRO A 128 11.05 -8.73 7.42
C PRO A 128 12.08 -9.06 6.36
N SER A 129 11.87 -10.13 5.58
CA SER A 129 12.80 -10.47 4.51
C SER A 129 12.95 -9.35 3.50
N LEU A 130 11.96 -8.45 3.41
CA LEU A 130 12.02 -7.31 2.51
C LEU A 130 12.61 -6.07 3.17
N ALA A 131 12.80 -6.09 4.48
CA ALA A 131 13.39 -4.96 5.18
C ALA A 131 14.90 -4.93 5.03
N SER A 132 15.47 -3.75 5.25
CA SER A 132 16.90 -3.55 5.08
C SER A 132 17.66 -4.04 6.31
N GLU A 133 18.97 -4.19 6.13
CA GLU A 133 19.82 -4.73 7.19
C GLU A 133 19.78 -3.84 8.44
N TYR A 134 19.75 -4.48 9.61
CA TYR A 134 19.74 -3.82 10.91
C TYR A 134 18.45 -3.04 11.17
N SER A 135 17.40 -3.29 10.42
CA SER A 135 16.11 -2.67 10.65
C SER A 135 15.06 -3.75 10.95
N VAL A 136 14.09 -3.39 11.78
CA VAL A 136 12.99 -4.27 12.15
C VAL A 136 11.70 -3.57 11.77
N PRO A 137 10.81 -4.21 10.99
CA PRO A 137 9.54 -3.56 10.63
C PRO A 137 8.72 -3.22 11.88
N VAL A 138 7.99 -2.12 11.77
CA VAL A 138 7.20 -1.61 12.89
C VAL A 138 6.21 -2.67 13.36
N PHE A 139 5.49 -3.29 12.42
CA PHE A 139 4.51 -4.28 12.82
C PHE A 139 5.16 -5.52 13.39
N ASP A 140 6.38 -5.84 12.96
CA ASP A 140 7.08 -6.98 13.56
C ASP A 140 7.49 -6.69 14.99
N ASN A 141 7.92 -5.45 15.28
CA ASN A 141 8.15 -5.08 16.67
C ASN A 141 6.87 -5.14 17.48
N MET A 142 5.76 -4.68 16.90
CA MET A 142 4.48 -4.70 17.60
C MET A 142 4.05 -6.13 17.90
N MET A 143 4.31 -7.06 16.98
CA MET A 143 3.97 -8.46 17.21
C MET A 143 4.88 -9.08 18.26
N ASN A 144 6.19 -8.85 18.14
CA ASN A 144 7.13 -9.49 19.04
C ASN A 144 6.95 -9.01 20.48
N ARG A 145 6.67 -7.73 20.67
CA ARG A 145 6.38 -7.22 22.01
C ARG A 145 4.94 -7.38 22.43
N HIS A 146 4.11 -7.99 21.58
CA HIS A 146 2.69 -8.21 21.86
C HIS A 146 1.97 -6.90 22.13
N LEU A 147 2.33 -5.85 21.38
CA LEU A 147 1.65 -4.57 21.48
C LEU A 147 0.27 -4.60 20.82
N VAL A 148 0.03 -5.56 19.94
CA VAL A 148 -1.26 -5.71 19.28
C VAL A 148 -1.95 -6.96 19.83
N ALA A 149 -3.28 -6.91 19.88
N ALA A 149 -3.28 -6.94 19.82
CA ALA A 149 -4.04 -8.04 20.43
CA ALA A 149 -4.05 -8.08 20.31
C ALA A 149 -3.92 -9.26 19.54
C ALA A 149 -3.69 -9.36 19.58
N GLN A 150 -3.97 -9.06 18.23
N GLN A 150 -3.50 -9.27 18.26
CA GLN A 150 -3.78 -10.14 17.25
CA GLN A 150 -3.07 -10.42 17.48
C GLN A 150 -2.73 -9.70 16.26
C GLN A 150 -2.37 -9.92 16.23
N ASP A 151 -1.90 -10.64 15.81
N ASP A 151 -1.49 -10.77 15.68
CA ASP A 151 -0.86 -10.35 14.84
CA ASP A 151 -0.62 -10.39 14.57
C ASP A 151 -1.46 -10.26 13.43
C ASP A 151 -1.38 -10.26 13.26
N VAL A 152 -2.34 -9.28 13.27
N VAL A 152 -2.39 -9.39 13.22
CA VAL A 152 -3.12 -9.09 12.06
CA VAL A 152 -3.15 -9.13 12.00
C VAL A 152 -3.38 -7.60 11.90
C VAL A 152 -3.38 -7.63 11.88
N PHE A 153 -3.53 -7.16 10.65
CA PHE A 153 -3.96 -5.78 10.41
C PHE A 153 -4.86 -5.75 9.18
N SER A 154 -5.53 -4.63 9.00
CA SER A 154 -6.63 -4.58 8.05
C SER A 154 -6.69 -3.20 7.42
N VAL A 155 -7.04 -3.17 6.13
CA VAL A 155 -7.03 -1.95 5.33
C VAL A 155 -8.38 -1.81 4.64
N TYR A 156 -9.04 -0.68 4.89
CA TYR A 156 -10.24 -0.27 4.17
C TYR A 156 -9.97 1.08 3.51
N MET A 157 -10.17 1.15 2.20
CA MET A 157 -9.98 2.38 1.45
C MET A 157 -11.33 2.83 0.91
N ASP A 158 -11.71 4.06 1.24
CA ASP A 158 -13.01 4.60 0.88
C ASP A 158 -12.90 5.32 -0.46
N ARG A 159 -13.82 5.01 -1.36
CA ARG A 159 -13.83 5.61 -2.70
C ARG A 159 -14.34 7.05 -2.60
N ASN A 160 -13.42 8.01 -2.70
CA ASN A 160 -13.82 9.40 -2.83
C ASN A 160 -14.10 10.05 -1.48
N GLY A 161 -14.25 9.24 -0.43
CA GLY A 161 -14.57 9.74 0.88
C GLY A 161 -13.36 9.84 1.79
N GLN A 162 -13.62 10.29 3.02
CA GLN A 162 -12.60 10.46 4.04
C GLN A 162 -12.80 9.50 5.20
N GLU A 163 -13.18 8.26 4.90
CA GLU A 163 -13.47 7.26 5.93
C GLU A 163 -12.50 6.08 5.89
N SER A 164 -11.41 6.17 5.13
CA SER A 164 -10.46 5.07 5.05
C SER A 164 -9.82 4.82 6.40
N MET A 165 -9.40 3.57 6.63
CA MET A 165 -8.97 3.17 7.96
C MET A 165 -7.99 2.01 7.87
N LEU A 166 -6.88 2.13 8.60
CA LEU A 166 -5.96 1.03 8.85
C LEU A 166 -6.13 0.59 10.29
N THR A 167 -6.49 -0.66 10.50
CA THR A 167 -6.69 -1.22 11.83
C THR A 167 -5.52 -2.15 12.15
N LEU A 168 -4.77 -1.82 13.19
CA LEU A 168 -3.63 -2.61 13.63
C LEU A 168 -4.03 -3.45 14.84
N GLY A 169 -3.95 -4.76 14.69
CA GLY A 169 -4.22 -5.67 15.79
C GLY A 169 -5.56 -6.37 15.74
N ALA A 170 -6.42 -6.05 14.79
CA ALA A 170 -7.74 -6.67 14.71
C ALA A 170 -8.30 -6.47 13.31
N ILE A 171 -9.54 -6.91 13.12
CA ILE A 171 -10.29 -6.75 11.88
C ILE A 171 -11.57 -6.00 12.22
N ASP A 172 -11.77 -4.84 11.62
CA ASP A 172 -12.97 -4.05 11.89
C ASP A 172 -14.11 -4.54 11.01
N PRO A 173 -15.18 -5.08 11.58
CA PRO A 173 -16.28 -5.61 10.75
C PRO A 173 -17.15 -4.54 10.11
N SER A 174 -16.98 -3.28 10.49
CA SER A 174 -17.80 -2.21 9.91
C SER A 174 -17.53 -1.99 8.44
N TYR A 175 -16.41 -2.49 7.91
CA TYR A 175 -15.93 -2.10 6.58
C TYR A 175 -16.16 -3.17 5.51
N TYR A 176 -16.85 -4.26 5.82
CA TYR A 176 -17.09 -5.26 4.79
C TYR A 176 -18.43 -5.94 5.00
N THR A 177 -18.94 -6.53 3.93
CA THR A 177 -20.13 -7.35 3.95
C THR A 177 -19.76 -8.77 3.51
N GLY A 178 -20.65 -9.71 3.81
CA GLY A 178 -20.36 -11.08 3.43
C GLY A 178 -19.27 -11.68 4.30
N SER A 179 -18.65 -12.74 3.76
CA SER A 179 -17.64 -13.50 4.48
C SER A 179 -16.25 -13.15 3.98
N LEU A 180 -15.30 -13.13 4.91
CA LEU A 180 -13.90 -13.02 4.53
C LEU A 180 -13.44 -14.34 3.92
N HIS A 181 -12.69 -14.24 2.82
N HIS A 181 -12.71 -14.24 2.81
CA HIS A 181 -12.11 -15.40 2.16
CA HIS A 181 -12.11 -15.40 2.16
C HIS A 181 -10.59 -15.32 2.27
C HIS A 181 -10.60 -15.32 2.31
N TRP A 182 -9.98 -16.41 2.73
CA TRP A 182 -8.56 -16.44 3.03
C TRP A 182 -7.78 -17.08 1.89
N VAL A 183 -6.65 -16.45 1.56
CA VAL A 183 -5.80 -16.84 0.46
C VAL A 183 -4.41 -17.07 1.03
N PRO A 184 -3.78 -18.22 0.78
CA PRO A 184 -2.43 -18.45 1.32
C PRO A 184 -1.40 -17.58 0.63
N VAL A 185 -0.56 -16.93 1.44
CA VAL A 185 0.58 -16.20 0.90
C VAL A 185 1.59 -17.21 0.36
N THR A 186 2.01 -17.01 -0.89
CA THR A 186 2.91 -17.96 -1.55
C THR A 186 4.39 -17.70 -1.25
N VAL A 187 4.78 -16.43 -1.16
CA VAL A 187 6.17 -16.06 -0.85
C VAL A 187 6.14 -15.00 0.22
N GLN A 188 6.71 -15.31 1.39
CA GLN A 188 6.66 -14.41 2.55
C GLN A 188 7.77 -13.36 2.41
N LYS A 189 7.52 -12.41 1.51
CA LYS A 189 8.34 -11.22 1.36
C LYS A 189 7.42 -10.04 1.15
N TYR A 190 6.76 -10.00 -0.01
CA TYR A 190 5.59 -9.16 -0.19
C TYR A 190 4.36 -9.90 0.33
N TRP A 191 3.19 -9.27 0.22
CA TRP A 191 1.94 -9.99 0.45
C TRP A 191 1.50 -10.62 -0.87
N GLN A 192 2.25 -11.65 -1.25
CA GLN A 192 2.13 -12.28 -2.55
C GLN A 192 1.22 -13.49 -2.49
N PHE A 193 0.42 -13.68 -3.54
CA PHE A 193 -0.46 -14.83 -3.63
C PHE A 193 -0.71 -15.13 -5.11
N THR A 194 -1.33 -16.29 -5.36
CA THR A 194 -1.62 -16.73 -6.71
C THR A 194 -2.95 -16.18 -7.19
N VAL A 195 -2.97 -15.72 -8.44
CA VAL A 195 -4.20 -15.37 -9.15
C VAL A 195 -4.45 -16.44 -10.19
N ASP A 196 -5.67 -16.97 -10.21
CA ASP A 196 -5.95 -18.10 -11.09
C ASP A 196 -6.20 -17.66 -12.52
N SER A 197 -6.95 -16.58 -12.72
CA SER A 197 -7.23 -16.09 -14.06
C SER A 197 -7.83 -14.69 -13.97
N VAL A 198 -7.87 -14.02 -15.12
CA VAL A 198 -8.59 -12.76 -15.29
C VAL A 198 -9.57 -12.96 -16.43
N THR A 199 -10.83 -12.59 -16.20
CA THR A 199 -11.92 -12.99 -17.07
C THR A 199 -12.75 -11.78 -17.45
N ILE A 200 -13.10 -11.69 -18.73
CA ILE A 200 -14.01 -10.68 -19.25
C ILE A 200 -14.95 -11.37 -20.22
N ASN A 201 -16.26 -11.30 -19.94
CA ASN A 201 -17.27 -12.00 -20.73
C ASN A 201 -17.00 -13.50 -20.80
N GLY A 202 -16.54 -14.06 -19.68
CA GLY A 202 -16.33 -15.48 -19.58
C GLY A 202 -15.06 -16.01 -20.22
N MET A 203 -14.27 -15.14 -20.85
CA MET A 203 -13.05 -15.55 -21.53
C MET A 203 -11.82 -15.01 -20.78
N VAL A 204 -10.78 -15.82 -20.71
CA VAL A 204 -9.54 -15.44 -20.04
C VAL A 204 -8.81 -14.43 -20.92
N VAL A 205 -8.67 -13.20 -20.43
CA VAL A 205 -7.97 -12.15 -21.15
C VAL A 205 -6.60 -11.84 -20.55
N ALA A 206 -6.33 -12.27 -19.33
CA ALA A 206 -5.04 -12.03 -18.69
C ALA A 206 -4.80 -13.10 -17.65
N CYS A 207 -3.54 -13.22 -17.22
CA CYS A 207 -3.16 -14.18 -16.19
C CYS A 207 -3.52 -15.60 -16.61
N ASP A 208 -3.32 -15.89 -17.90
CA ASP A 208 -3.75 -17.16 -18.46
C ASP A 208 -2.89 -18.29 -17.92
N GLY A 209 -3.50 -19.21 -17.17
CA GLY A 209 -2.78 -20.30 -16.56
C GLY A 209 -2.18 -20.00 -15.21
N GLY A 210 -2.39 -18.80 -14.68
CA GLY A 210 -1.85 -18.47 -13.38
C GLY A 210 -0.82 -17.35 -13.43
N CYS A 211 -0.78 -16.54 -12.38
CA CYS A 211 0.18 -15.47 -12.25
C CYS A 211 0.28 -15.11 -10.77
N GLN A 212 1.35 -14.41 -10.42
CA GLN A 212 1.57 -13.97 -9.06
C GLN A 212 1.12 -12.52 -8.90
N ALA A 213 0.60 -12.21 -7.72
CA ALA A 213 0.16 -10.86 -7.42
C ALA A 213 0.53 -10.53 -5.98
N ILE A 214 0.86 -9.27 -5.75
CA ILE A 214 1.07 -8.75 -4.41
C ILE A 214 -0.02 -7.74 -4.13
N LEU A 215 -0.51 -7.72 -2.90
CA LEU A 215 -1.52 -6.76 -2.46
C LEU A 215 -0.78 -5.56 -1.88
N ASP A 216 -0.80 -4.45 -2.61
CA ASP A 216 0.08 -3.31 -2.36
C ASP A 216 -0.74 -2.05 -2.12
N THR A 217 -0.80 -1.60 -0.86
CA THR A 217 -1.39 -0.31 -0.52
C THR A 217 -0.56 0.87 -1.01
N GLY A 218 0.68 0.65 -1.42
CA GLY A 218 1.52 1.73 -1.89
C GLY A 218 1.41 2.02 -3.37
N THR A 219 0.60 1.26 -4.11
CA THR A 219 0.39 1.46 -5.53
C THR A 219 -1.03 1.93 -5.77
N SER A 220 -1.18 2.97 -6.58
CA SER A 220 -2.49 3.55 -6.83
C SER A 220 -3.30 2.71 -7.80
N LEU A 221 -2.70 2.27 -8.89
CA LEU A 221 -3.41 1.60 -9.96
C LEU A 221 -3.28 0.09 -9.81
N LEU A 222 -3.80 -0.64 -10.80
CA LEU A 222 -3.69 -2.09 -10.87
C LEU A 222 -2.67 -2.39 -11.96
N VAL A 223 -1.46 -2.75 -11.53
CA VAL A 223 -0.31 -2.90 -12.44
C VAL A 223 -0.11 -4.36 -12.78
N GLY A 224 0.25 -4.62 -14.04
CA GLY A 224 0.55 -5.95 -14.49
C GLY A 224 1.46 -5.95 -15.70
N PRO A 225 1.81 -7.14 -16.21
CA PRO A 225 2.61 -7.21 -17.43
C PRO A 225 1.96 -6.48 -18.58
N SER A 226 2.79 -5.98 -19.49
CA SER A 226 2.32 -5.08 -20.54
C SER A 226 1.28 -5.74 -21.44
N SER A 227 1.57 -6.96 -21.89
CA SER A 227 0.68 -7.61 -22.86
C SER A 227 -0.68 -7.93 -22.26
N ASP A 228 -0.71 -8.45 -21.03
CA ASP A 228 -1.97 -8.75 -20.36
C ASP A 228 -2.78 -7.49 -20.14
N ILE A 229 -2.13 -6.43 -19.66
CA ILE A 229 -2.83 -5.17 -19.42
C ILE A 229 -3.38 -4.61 -20.72
N LEU A 230 -2.62 -4.73 -21.81
CA LEU A 230 -3.10 -4.24 -23.10
C LEU A 230 -4.30 -5.05 -23.58
N ASN A 231 -4.28 -6.37 -23.38
CA ASN A 231 -5.46 -7.20 -23.65
C ASN A 231 -6.66 -6.67 -22.89
N ILE A 232 -6.47 -6.38 -21.59
CA ILE A 232 -7.57 -5.91 -20.76
C ILE A 232 -8.09 -4.57 -21.27
N GLN A 233 -7.18 -3.66 -21.62
CA GLN A 233 -7.58 -2.35 -22.12
C GLN A 233 -8.38 -2.48 -23.42
N GLU A 234 -7.94 -3.37 -24.31
CA GLU A 234 -8.69 -3.62 -25.54
C GLU A 234 -10.09 -4.14 -25.21
N ALA A 235 -10.18 -5.12 -24.31
CA ALA A 235 -11.45 -5.75 -24.02
C ALA A 235 -12.43 -4.78 -23.35
N ILE A 236 -11.94 -3.92 -22.46
CA ILE A 236 -12.84 -2.99 -21.76
C ILE A 236 -13.16 -1.74 -22.56
N GLY A 237 -12.58 -1.57 -23.74
CA GLY A 237 -12.85 -0.42 -24.57
C GLY A 237 -11.97 0.79 -24.31
N ALA A 238 -10.95 0.66 -23.47
CA ALA A 238 -10.06 1.78 -23.20
C ALA A 238 -9.16 2.04 -24.41
N THR A 239 -8.77 3.30 -24.57
CA THR A 239 -8.04 3.75 -25.75
C THR A 239 -6.77 4.48 -25.34
N GLN A 240 -5.66 4.13 -25.99
CA GLN A 240 -4.39 4.80 -25.72
C GLN A 240 -4.43 6.24 -26.19
N ASN A 241 -4.00 7.16 -25.33
CA ASN A 241 -3.87 8.56 -25.68
C ASN A 241 -2.41 8.98 -25.59
N ARG A 242 -2.09 10.11 -26.22
CA ARG A 242 -0.72 10.58 -26.29
C ARG A 242 -0.21 11.16 -24.97
N TYR A 243 -0.98 11.08 -23.90
CA TYR A 243 -0.55 11.60 -22.60
C TYR A 243 -0.05 10.50 -21.67
N GLY A 244 0.00 9.25 -22.14
CA GLY A 244 0.51 8.14 -21.38
C GLY A 244 -0.56 7.20 -20.84
N GLU A 245 -1.73 7.73 -20.53
CA GLU A 245 -2.80 6.94 -19.91
C GLU A 245 -3.75 6.40 -20.98
N PHE A 246 -4.76 5.65 -20.54
CA PHE A 246 -5.75 5.05 -21.42
C PHE A 246 -7.10 5.69 -21.15
N ASP A 247 -7.71 6.26 -22.19
CA ASP A 247 -8.98 6.94 -22.08
C ASP A 247 -10.13 5.96 -21.93
N ILE A 248 -11.22 6.44 -21.34
CA ILE A 248 -12.47 5.70 -21.22
C ILE A 248 -13.60 6.68 -21.43
N ASP A 249 -14.57 6.31 -22.27
CA ASP A 249 -15.75 7.15 -22.43
C ASP A 249 -16.51 7.20 -21.11
N CYS A 250 -16.57 8.39 -20.51
CA CYS A 250 -17.19 8.54 -19.20
C CYS A 250 -18.65 8.08 -19.21
N ASP A 251 -19.38 8.40 -20.28
CA ASP A 251 -20.77 8.00 -20.38
C ASP A 251 -20.96 6.56 -20.82
N GLY A 252 -19.89 5.86 -21.15
CA GLY A 252 -19.99 4.48 -21.63
C GLY A 252 -19.94 3.41 -20.57
N LEU A 253 -19.83 3.78 -19.29
CA LEU A 253 -19.65 2.78 -18.23
C LEU A 253 -20.78 1.76 -18.24
N SER A 254 -22.02 2.20 -18.43
CA SER A 254 -23.16 1.29 -18.40
C SER A 254 -23.07 0.20 -19.45
N SER A 255 -22.21 0.35 -20.45
CA SER A 255 -22.03 -0.67 -21.47
C SER A 255 -20.74 -1.47 -21.31
N MET A 256 -19.86 -1.05 -20.42
CA MET A 256 -18.54 -1.66 -20.30
C MET A 256 -18.61 -2.97 -19.51
N PRO A 257 -17.66 -3.88 -19.75
CA PRO A 257 -17.73 -5.20 -19.09
C PRO A 257 -17.09 -5.18 -17.71
N THR A 258 -17.42 -6.21 -16.94
CA THR A 258 -16.85 -6.43 -15.62
C THR A 258 -15.63 -7.33 -15.74
N VAL A 259 -14.56 -6.95 -15.04
CA VAL A 259 -13.30 -7.70 -15.07
C VAL A 259 -13.19 -8.52 -13.80
N VAL A 260 -13.15 -9.84 -13.93
CA VAL A 260 -13.22 -10.75 -12.79
C VAL A 260 -11.85 -11.36 -12.54
N PHE A 261 -11.29 -11.13 -11.35
CA PHE A 261 -10.07 -11.80 -10.93
C PHE A 261 -10.42 -13.04 -10.12
N GLU A 262 -9.89 -14.18 -10.54
CA GLU A 262 -10.12 -15.43 -9.82
C GLU A 262 -8.96 -15.66 -8.86
N ILE A 263 -9.26 -15.71 -7.57
CA ILE A 263 -8.27 -15.90 -6.52
C ILE A 263 -8.72 -17.05 -5.63
N ASN A 264 -7.92 -18.11 -5.59
CA ASN A 264 -8.17 -19.27 -4.74
C ASN A 264 -9.60 -19.79 -4.90
N GLY A 265 -10.01 -19.97 -6.16
CA GLY A 265 -11.31 -20.50 -6.48
C GLY A 265 -12.45 -19.51 -6.43
N LYS A 266 -12.27 -18.34 -5.81
CA LYS A 266 -13.33 -17.37 -5.69
C LYS A 266 -13.21 -16.30 -6.77
N MET A 267 -14.35 -15.71 -7.13
CA MET A 267 -14.41 -14.64 -8.11
C MET A 267 -14.46 -13.29 -7.41
N TYR A 268 -13.66 -12.34 -7.91
CA TYR A 268 -13.64 -10.98 -7.41
C TYR A 268 -13.87 -10.07 -8.61
N PRO A 269 -15.12 -9.69 -8.86
CA PRO A 269 -15.40 -8.80 -9.99
C PRO A 269 -15.07 -7.36 -9.68
N LEU A 270 -14.66 -6.66 -10.73
CA LEU A 270 -14.44 -5.22 -10.73
C LEU A 270 -15.35 -4.63 -11.78
N THR A 271 -16.31 -3.82 -11.35
CA THR A 271 -17.24 -3.17 -12.24
C THR A 271 -16.56 -1.99 -12.94
N PRO A 272 -17.14 -1.53 -14.05
CA PRO A 272 -16.59 -0.32 -14.71
C PRO A 272 -16.42 0.84 -13.75
N SER A 273 -17.40 1.09 -12.88
CA SER A 273 -17.26 2.13 -11.87
C SER A 273 -16.05 1.86 -10.98
N ALA A 274 -15.74 0.59 -10.73
CA ALA A 274 -14.63 0.25 -9.84
C ALA A 274 -13.28 0.49 -10.51
N TYR A 275 -13.12 0.06 -11.77
CA TYR A 275 -11.81 0.12 -12.40
C TYR A 275 -11.60 1.37 -13.26
N THR A 276 -12.45 2.39 -13.12
CA THR A 276 -12.33 3.63 -13.86
C THR A 276 -12.13 4.78 -12.88
N ASN A 277 -11.12 5.60 -13.14
CA ASN A 277 -10.86 6.79 -12.33
C ASN A 277 -11.38 8.03 -13.02
N GLN A 278 -12.03 8.90 -12.25
CA GLN A 278 -12.67 10.11 -12.73
C GLN A 278 -11.95 11.31 -12.15
N ASP A 279 -11.32 12.11 -13.02
N ASP A 279 -11.34 12.11 -13.02
CA ASP A 279 -10.58 13.29 -12.59
CA ASP A 279 -10.56 13.27 -12.61
C ASP A 279 -10.79 14.39 -13.60
C ASP A 279 -10.79 14.40 -13.61
N GLU A 280 -11.36 15.51 -13.15
CA GLU A 280 -11.59 16.69 -13.99
C GLU A 280 -12.44 16.35 -15.22
N ASP A 281 -13.48 15.54 -15.01
CA ASP A 281 -14.36 15.06 -16.07
C ASP A 281 -13.63 14.26 -17.14
N PHE A 282 -12.46 13.73 -16.82
CA PHE A 282 -11.75 12.79 -17.68
C PHE A 282 -11.76 11.42 -17.02
N CYS A 283 -11.94 10.38 -17.81
CA CYS A 283 -12.06 9.01 -17.30
C CYS A 283 -10.88 8.20 -17.82
N THR A 284 -10.13 7.61 -16.90
CA THR A 284 -8.95 6.83 -17.24
C THR A 284 -9.09 5.41 -16.70
N SER A 285 -8.42 4.48 -17.36
CA SER A 285 -8.41 3.10 -16.92
C SER A 285 -7.56 2.94 -15.67
N GLY A 286 -8.08 2.18 -14.71
CA GLY A 286 -7.31 1.84 -13.53
C GLY A 286 -6.26 0.77 -13.73
N PHE A 287 -6.24 0.16 -14.92
CA PHE A 287 -5.22 -0.82 -15.27
C PHE A 287 -4.02 -0.09 -15.88
N GLN A 288 -2.83 -0.42 -15.41
CA GLN A 288 -1.61 0.21 -15.87
C GLN A 288 -0.59 -0.86 -16.22
N ALA A 289 -0.02 -0.76 -17.42
CA ALA A 289 1.03 -1.65 -17.84
C ALA A 289 2.38 -1.10 -17.40
N ASP A 290 3.33 -2.01 -17.14
CA ASP A 290 4.68 -1.62 -16.78
C ASP A 290 5.66 -2.62 -17.38
N SER A 291 6.67 -2.10 -18.08
CA SER A 291 7.65 -2.96 -18.73
C SER A 291 8.53 -3.72 -17.74
N ARG A 292 8.41 -3.46 -16.44
CA ARG A 292 9.21 -4.13 -15.43
C ARG A 292 8.42 -5.19 -14.66
N SER A 293 7.11 -5.28 -14.88
CA SER A 293 6.26 -6.13 -14.06
C SER A 293 6.49 -7.61 -14.40
N ARG A 294 7.09 -8.34 -13.46
CA ARG A 294 7.15 -9.79 -13.55
C ARG A 294 5.96 -10.45 -12.87
N HIS A 295 5.11 -9.67 -12.20
CA HIS A 295 3.92 -10.17 -11.55
C HIS A 295 2.91 -9.04 -11.47
N TRP A 296 1.73 -9.34 -10.95
CA TRP A 296 0.66 -8.34 -10.85
C TRP A 296 0.74 -7.60 -9.51
N ILE A 297 0.31 -6.34 -9.54
CA ILE A 297 0.23 -5.52 -8.35
C ILE A 297 -1.22 -5.09 -8.19
N LEU A 298 -1.89 -5.63 -7.18
CA LEU A 298 -3.26 -5.24 -6.85
C LEU A 298 -3.17 -4.04 -5.91
N GLY A 299 -3.41 -2.85 -6.46
CA GLY A 299 -3.26 -1.62 -5.73
C GLY A 299 -4.56 -1.10 -5.15
N ASP A 300 -4.60 0.21 -4.91
CA ASP A 300 -5.76 0.83 -4.29
C ASP A 300 -7.01 0.60 -5.12
N VAL A 301 -6.88 0.50 -6.44
CA VAL A 301 -8.04 0.18 -7.28
C VAL A 301 -8.71 -1.10 -6.79
N PHE A 302 -7.92 -2.12 -6.52
CA PHE A 302 -8.47 -3.39 -6.06
C PHE A 302 -8.89 -3.32 -4.59
N ILE A 303 -8.09 -2.65 -3.75
CA ILE A 303 -8.37 -2.67 -2.32
C ILE A 303 -9.65 -1.88 -2.01
N ARG A 304 -9.93 -0.82 -2.77
CA ARG A 304 -11.15 -0.05 -2.55
C ARG A 304 -12.40 -0.91 -2.70
N GLU A 305 -12.33 -1.93 -3.54
CA GLU A 305 -13.46 -2.85 -3.71
C GLU A 305 -13.42 -4.01 -2.76
N TYR A 306 -12.24 -4.38 -2.25
CA TYR A 306 -12.12 -5.55 -1.37
C TYR A 306 -11.30 -5.17 -0.13
N TYR A 307 -12.03 -4.98 0.96
CA TYR A 307 -11.45 -4.87 2.28
C TYR A 307 -10.40 -5.96 2.48
N SER A 308 -9.19 -5.55 2.84
CA SER A 308 -8.04 -6.43 2.82
C SER A 308 -7.52 -6.68 4.22
N VAL A 309 -7.22 -7.94 4.54
CA VAL A 309 -6.75 -8.34 5.85
C VAL A 309 -5.42 -9.05 5.67
N PHE A 310 -4.43 -8.68 6.46
CA PHE A 310 -3.08 -9.22 6.37
C PHE A 310 -2.81 -9.95 7.68
N ASP A 311 -2.67 -11.28 7.60
CA ASP A 311 -2.60 -12.15 8.76
C ASP A 311 -1.20 -12.73 8.84
N ARG A 312 -0.41 -12.24 9.79
CA ARG A 312 0.93 -12.75 10.04
C ARG A 312 0.93 -13.99 10.93
N VAL A 313 -0.17 -14.27 11.62
CA VAL A 313 -0.26 -15.49 12.42
C VAL A 313 -0.17 -16.72 11.51
N ASN A 314 -1.09 -16.81 10.55
CA ASN A 314 -1.15 -17.94 9.65
C ASN A 314 -0.63 -17.62 8.25
N ASN A 315 -0.12 -16.40 8.04
CA ASN A 315 0.43 -15.96 6.76
C ASN A 315 -0.62 -16.09 5.64
N LEU A 316 -1.64 -15.26 5.76
CA LEU A 316 -2.78 -15.30 4.86
C LEU A 316 -3.18 -13.88 4.48
N VAL A 317 -3.90 -13.78 3.37
CA VAL A 317 -4.57 -12.56 2.97
C VAL A 317 -6.06 -12.83 2.96
N GLY A 318 -6.80 -12.08 3.77
CA GLY A 318 -8.24 -12.14 3.73
C GLY A 318 -8.78 -11.04 2.82
N LEU A 319 -9.82 -11.39 2.07
CA LEU A 319 -10.48 -10.44 1.20
C LEU A 319 -11.98 -10.51 1.43
N ALA A 320 -12.62 -9.34 1.49
CA ALA A 320 -14.08 -9.32 1.54
C ALA A 320 -14.59 -8.10 0.80
N LYS A 321 -15.86 -8.16 0.41
CA LYS A 321 -16.47 -7.05 -0.32
C LYS A 321 -16.53 -5.82 0.57
N ALA A 322 -15.84 -4.76 0.16
CA ALA A 322 -15.86 -3.51 0.92
C ALA A 322 -17.24 -2.86 0.82
N ILE A 323 -17.58 -2.11 1.86
CA ILE A 323 -18.83 -1.36 1.87
C ILE A 323 -18.77 -0.25 0.83
C1 GOL B . -6.85 -21.25 8.47
O1 GOL B . -6.17 -21.19 9.69
C2 GOL B . -8.19 -20.52 8.67
O2 GOL B . -8.90 -20.41 7.47
C3 GOL B . -7.82 -19.14 9.26
O3 GOL B . -9.00 -18.41 9.39
#